data_4X80
#
_entry.id   4X80
#
_cell.length_a   68.426
_cell.length_b   78.007
_cell.length_c   80.735
_cell.angle_alpha   90.000
_cell.angle_beta   90.000
_cell.angle_gamma   90.000
#
_symmetry.space_group_name_H-M   'P 21 21 21'
#
loop_
_entity.id
_entity.type
_entity.pdbx_description
1 polymer 'IgG1 7B4 FAB Light  Chain'
2 polymer 'IgG1 7B4 FAB Heavy chain'
3 water water
#
loop_
_entity_poly.entity_id
_entity_poly.type
_entity_poly.pdbx_seq_one_letter_code
_entity_poly.pdbx_strand_id
1 'polypeptide(L)'
;DIQMTQSPASLSASVGETVTITCRTSENIYSYLAWYQQKQGKSPQLLVYNAKTLAEGVPSRFSGSGSGTQFSLKINSLQP
EDFGSYSCQHKYGTPWTFGGGTKLEIKRADAAPTVSIFPPSSEQLTSGGASVVCFLNNFYPKDINVKWKIDGSERQNGVL
NSWTDQDSKDSTYSMSSTLTLTKDEYERHNSYTCEATHKTSTSPIVKSFNRNE
;
L
2 'polypeptide(L)'
;EVKLEESGGGLVQPGGSMKLSCAASGFTSSDAWMDWVRQSPEKGLEWVAEIRNKANNHARHYNESVKGRFTISRDDSKSS
VYLQMNSLRAEDSGIYYCTRTYYYGSSYGYCDVWGTGTTVTVSSAKTTPPSVYPLAPGSAAQTNSMVTLGCLVKGYFPEP
VTVTWNSGSLSSGVHTFPAVLQSDLYTLSSSVTVPSSTWPSQTVTCNVAHPASSTKVDKKIVPR
;
H
#
# COMPACT_ATOMS: atom_id res chain seq x y z
N ASP A 1 -6.36 -11.13 -25.33
CA ASP A 1 -5.64 -10.26 -24.36
C ASP A 1 -4.13 -10.37 -24.56
N ILE A 2 -3.46 -9.22 -24.55
CA ILE A 2 -2.01 -9.18 -24.64
C ILE A 2 -1.43 -9.25 -23.23
N GLN A 3 -0.42 -10.07 -23.04
CA GLN A 3 0.23 -10.24 -21.74
C GLN A 3 1.49 -9.36 -21.67
N MET A 4 1.61 -8.62 -20.58
CA MET A 4 2.73 -7.71 -20.34
C MET A 4 3.62 -8.31 -19.27
N THR A 5 4.93 -8.35 -19.52
CA THR A 5 5.87 -8.92 -18.56
C THR A 5 6.98 -7.93 -18.20
N GLN A 6 6.98 -7.46 -16.96
CA GLN A 6 8.02 -6.52 -16.50
C GLN A 6 9.10 -7.25 -15.72
N SER A 7 10.34 -6.79 -15.89
CA SER A 7 11.46 -7.33 -15.13
C SER A 7 12.42 -6.20 -14.78
N PRO A 8 12.88 -6.16 -13.51
CA PRO A 8 12.50 -7.06 -12.43
C PRO A 8 11.26 -6.56 -11.69
N ALA A 9 10.70 -7.39 -10.83
CA ALA A 9 9.57 -7.00 -10.00
C ALA A 9 10.01 -6.01 -8.93
N SER A 10 11.28 -6.13 -8.52
CA SER A 10 11.84 -5.28 -7.47
C SER A 10 13.32 -5.08 -7.77
N LEU A 11 13.83 -3.90 -7.42
CA LEU A 11 15.18 -3.48 -7.79
C LEU A 11 15.66 -2.34 -6.90
N SER A 12 16.89 -2.43 -6.40
CA SER A 12 17.46 -1.37 -5.58
C SER A 12 18.70 -0.78 -6.25
N ALA A 13 18.89 0.52 -6.12
CA ALA A 13 20.03 1.21 -6.73
C ALA A 13 20.36 2.51 -5.99
N SER A 14 21.62 2.93 -6.09
CA SER A 14 22.06 4.16 -5.46
C SER A 14 21.56 5.37 -6.23
N VAL A 15 21.43 6.49 -5.53
CA VAL A 15 21.23 7.77 -6.17
C VAL A 15 22.48 8.03 -7.02
N GLY A 16 22.27 8.35 -8.30
CA GLY A 16 23.37 8.56 -9.24
C GLY A 16 23.51 7.45 -10.26
N GLU A 17 23.19 6.22 -9.87
CA GLU A 17 23.34 5.07 -10.75
C GLU A 17 22.36 5.14 -11.92
N THR A 18 22.67 4.40 -12.98
CA THR A 18 21.80 4.27 -14.14
C THR A 18 21.07 2.94 -14.05
N VAL A 19 19.85 2.90 -14.54
CA VAL A 19 18.97 1.75 -14.34
C VAL A 19 18.09 1.50 -15.56
N THR A 20 17.76 0.24 -15.79
CA THR A 20 17.02 -0.18 -16.96
C THR A 20 15.95 -1.20 -16.58
N ILE A 21 14.70 -0.84 -16.82
CA ILE A 21 13.56 -1.72 -16.57
C ILE A 21 13.06 -2.24 -17.90
N THR A 22 12.85 -3.54 -17.99
CA THR A 22 12.45 -4.19 -19.22
C THR A 22 10.98 -4.54 -19.17
N CYS A 23 10.29 -4.31 -20.29
CA CYS A 23 8.87 -4.65 -20.41
C CYS A 23 8.73 -5.49 -21.66
N ARG A 24 8.27 -6.73 -21.48
CA ARG A 24 8.06 -7.67 -22.57
C ARG A 24 6.57 -7.82 -22.90
N THR A 25 6.31 -8.26 -24.12
CA THR A 25 4.97 -8.31 -24.67
C THR A 25 4.72 -9.66 -25.36
N SER A 26 3.50 -10.16 -25.25
CA SER A 26 3.12 -11.49 -25.76
C SER A 26 2.82 -11.52 -27.25
N GLU A 27 2.53 -10.36 -27.84
CA GLU A 27 2.41 -10.22 -29.28
C GLU A 27 2.69 -8.78 -29.71
N ASN A 28 3.40 -8.63 -30.84
CA ASN A 28 3.83 -7.33 -31.36
C ASN A 28 2.85 -6.16 -31.11
N ILE A 29 3.36 -5.07 -30.53
CA ILE A 29 2.57 -3.83 -30.38
C ILE A 29 3.24 -2.62 -31.05
N TYR A 30 4.23 -2.86 -31.90
CA TYR A 30 4.95 -1.80 -32.61
C TYR A 30 5.61 -0.86 -31.62
N SER A 31 5.17 0.40 -31.53
CA SER A 31 5.71 1.34 -30.57
C SER A 31 4.64 1.93 -29.65
N TYR A 32 3.47 1.29 -29.61
CA TYR A 32 2.37 1.79 -28.80
C TYR A 32 2.54 1.34 -27.34
N LEU A 33 3.46 1.98 -26.62
CA LEU A 33 3.73 1.65 -25.22
C LEU A 33 3.76 2.90 -24.33
N ALA A 34 3.20 2.77 -23.13
CA ALA A 34 3.20 3.82 -22.15
C ALA A 34 3.91 3.34 -20.87
N TRP A 35 4.65 4.24 -20.25
CA TRP A 35 5.31 4.00 -18.97
C TRP A 35 4.72 4.93 -17.94
N TYR A 36 4.46 4.41 -16.74
CA TYR A 36 3.94 5.23 -15.64
C TYR A 36 4.86 5.20 -14.44
N GLN A 37 4.75 6.23 -13.62
CA GLN A 37 5.46 6.28 -12.35
C GLN A 37 4.44 6.49 -11.25
N GLN A 38 4.50 5.62 -10.25
CA GLN A 38 3.64 5.75 -9.07
C GLN A 38 4.51 5.93 -7.82
N LYS A 39 4.40 7.12 -7.22
CA LYS A 39 5.08 7.41 -5.96
C LYS A 39 4.29 6.77 -4.82
N GLN A 40 4.96 6.58 -3.69
CA GLN A 40 4.35 6.03 -2.48
C GLN A 40 3.03 6.71 -2.15
N GLY A 41 1.97 5.92 -2.01
CA GLY A 41 0.64 6.43 -1.65
C GLY A 41 0.08 7.47 -2.61
N LYS A 42 0.44 7.35 -3.89
CA LYS A 42 0.01 8.31 -4.91
C LYS A 42 -0.57 7.57 -6.11
N SER A 43 -1.25 8.31 -6.97
CA SER A 43 -1.78 7.75 -8.22
C SER A 43 -0.63 7.62 -9.23
N PRO A 44 -0.77 6.70 -10.20
CA PRO A 44 0.22 6.66 -11.27
C PRO A 44 0.28 7.96 -12.07
N GLN A 45 1.41 8.19 -12.72
CA GLN A 45 1.59 9.38 -13.54
C GLN A 45 2.25 8.97 -14.85
N LEU A 46 1.78 9.53 -15.96
CA LEU A 46 2.35 9.24 -17.26
C LEU A 46 3.80 9.74 -17.36
N LEU A 47 4.70 8.85 -17.79
CA LEU A 47 6.08 9.22 -18.10
C LEU A 47 6.36 9.22 -19.60
N VAL A 48 6.02 8.12 -20.25
CA VAL A 48 6.33 7.93 -21.65
C VAL A 48 5.13 7.37 -22.37
N TYR A 49 4.92 7.84 -23.60
CA TYR A 49 3.99 7.21 -24.53
C TYR A 49 4.65 7.11 -25.90
N ASN A 50 4.03 6.33 -26.79
CA ASN A 50 4.63 5.97 -28.08
C ASN A 50 6.06 5.45 -27.94
N ALA A 51 6.30 4.65 -26.90
CA ALA A 51 7.60 4.01 -26.67
C ALA A 51 8.73 4.94 -26.22
N LYS A 52 8.88 6.09 -26.89
CA LYS A 52 10.00 7.00 -26.67
C LYS A 52 9.64 8.43 -26.24
N THR A 53 8.38 8.85 -26.44
CA THR A 53 8.00 10.24 -26.18
C THR A 53 7.77 10.53 -24.68
N LEU A 54 8.56 11.44 -24.12
CA LEU A 54 8.37 11.90 -22.75
C LEU A 54 7.18 12.83 -22.67
N ALA A 55 6.46 12.77 -21.55
CA ALA A 55 5.30 13.63 -21.32
C ALA A 55 5.74 15.00 -20.81
N GLU A 56 4.82 15.96 -20.85
CA GLU A 56 5.08 17.30 -20.31
C GLU A 56 5.48 17.15 -18.85
N GLY A 57 6.70 17.57 -18.54
CA GLY A 57 7.21 17.59 -17.16
C GLY A 57 8.35 16.63 -16.89
N VAL A 58 8.54 15.64 -17.75
CA VAL A 58 9.46 14.55 -17.46
C VAL A 58 10.90 14.91 -17.86
N PRO A 59 11.84 14.83 -16.90
CA PRO A 59 13.26 15.11 -17.17
C PRO A 59 13.88 14.29 -18.30
N SER A 60 14.88 14.85 -18.97
CA SER A 60 15.53 14.19 -20.10
C SER A 60 16.44 13.01 -19.69
N ARG A 61 16.72 12.87 -18.40
CA ARG A 61 17.43 11.71 -17.89
C ARG A 61 16.62 10.42 -18.04
N PHE A 62 15.30 10.57 -18.19
CA PHE A 62 14.43 9.48 -18.59
C PHE A 62 14.45 9.32 -20.11
N SER A 63 14.64 8.09 -20.58
CA SER A 63 14.49 7.77 -22.00
C SER A 63 13.80 6.41 -22.17
N GLY A 64 12.87 6.35 -23.11
CA GLY A 64 12.19 5.09 -23.45
C GLY A 64 12.65 4.61 -24.81
N SER A 65 12.78 3.30 -24.96
CA SER A 65 13.18 2.71 -26.24
C SER A 65 12.48 1.37 -26.47
N GLY A 66 12.75 0.79 -27.63
CA GLY A 66 12.25 -0.55 -27.96
C GLY A 66 11.10 -0.51 -28.95
N SER A 67 10.84 -1.67 -29.55
CA SER A 67 9.74 -1.84 -30.49
C SER A 67 9.44 -3.32 -30.70
N GLY A 68 8.22 -3.61 -31.10
CA GLY A 68 7.79 -4.98 -31.30
C GLY A 68 7.27 -5.59 -30.02
N THR A 69 8.08 -6.44 -29.41
CA THR A 69 7.70 -7.15 -28.19
C THR A 69 8.60 -6.86 -26.99
N GLN A 70 9.68 -6.10 -27.18
CA GLN A 70 10.64 -5.79 -26.11
C GLN A 70 10.88 -4.28 -25.99
N PHE A 71 10.75 -3.77 -24.77
CA PHE A 71 10.85 -2.33 -24.50
C PHE A 71 11.66 -2.05 -23.24
N SER A 72 12.22 -0.85 -23.16
CA SER A 72 13.09 -0.48 -22.06
C SER A 72 12.87 0.96 -21.58
N LEU A 73 12.93 1.14 -20.26
CA LEU A 73 12.97 2.47 -19.66
C LEU A 73 14.32 2.64 -18.99
N LYS A 74 15.07 3.65 -19.39
CA LYS A 74 16.39 3.90 -18.84
C LYS A 74 16.38 5.22 -18.08
N ILE A 75 16.81 5.19 -16.82
CA ILE A 75 16.92 6.39 -16.01
C ILE A 75 18.39 6.63 -15.73
N ASN A 76 18.92 7.75 -16.23
CA ASN A 76 20.31 8.16 -16.00
C ASN A 76 20.43 9.00 -14.74
N SER A 77 21.58 8.94 -14.08
CA SER A 77 21.86 9.71 -12.87
C SER A 77 20.64 9.78 -11.96
N LEU A 78 20.22 8.60 -11.49
CA LEU A 78 19.07 8.45 -10.62
C LEU A 78 19.04 9.56 -9.56
N GLN A 79 17.89 10.24 -9.44
CA GLN A 79 17.69 11.27 -8.42
C GLN A 79 16.80 10.72 -7.31
N PRO A 80 16.83 11.37 -6.13
CA PRO A 80 15.97 10.95 -5.03
C PRO A 80 14.47 10.87 -5.35
N GLU A 81 14.00 11.73 -6.25
CA GLU A 81 12.57 11.79 -6.57
C GLU A 81 12.14 10.64 -7.50
N ASP A 82 13.10 10.00 -8.14
CA ASP A 82 12.83 9.00 -9.17
C ASP A 82 12.39 7.64 -8.61
N PHE A 83 12.56 7.42 -7.31
CA PHE A 83 12.25 6.11 -6.70
C PHE A 83 10.77 5.99 -6.41
N GLY A 84 10.25 4.78 -6.63
CA GLY A 84 8.81 4.52 -6.61
C GLY A 84 8.50 3.32 -7.48
N SER A 85 7.24 3.15 -7.86
CA SER A 85 6.84 2.02 -8.71
C SER A 85 6.69 2.45 -10.16
N TYR A 86 7.04 1.56 -11.08
CA TYR A 86 6.99 1.85 -12.52
C TYR A 86 6.27 0.74 -13.26
N SER A 87 5.35 1.10 -14.14
CA SER A 87 4.57 0.12 -14.87
C SER A 87 4.40 0.49 -16.34
N CYS A 88 4.45 -0.50 -17.21
CA CYS A 88 4.24 -0.27 -18.64
C CYS A 88 2.82 -0.66 -19.00
N GLN A 89 2.34 -0.09 -20.11
CA GLN A 89 1.00 -0.38 -20.63
C GLN A 89 0.96 -0.16 -22.13
N HIS A 90 0.46 -1.13 -22.88
CA HIS A 90 0.32 -0.96 -24.33
C HIS A 90 -0.89 -0.09 -24.65
N LYS A 91 -0.78 0.78 -25.66
CA LYS A 91 -1.95 1.52 -26.17
C LYS A 91 -2.23 1.20 -27.64
N TYR A 92 -2.12 -0.09 -27.97
CA TYR A 92 -2.35 -0.57 -29.33
C TYR A 92 -3.84 -0.66 -29.66
N GLY A 93 -4.57 -1.45 -28.88
CA GLY A 93 -6.00 -1.60 -29.06
C GLY A 93 -6.63 -2.32 -27.86
N THR A 94 -7.84 -1.91 -27.50
CA THR A 94 -8.52 -2.48 -26.33
C THR A 94 -8.68 -3.99 -26.48
N PRO A 95 -8.45 -4.75 -25.41
CA PRO A 95 -8.28 -4.28 -24.03
C PRO A 95 -6.88 -3.80 -23.69
N TRP A 96 -6.78 -2.63 -23.05
CA TRP A 96 -5.51 -2.13 -22.54
C TRP A 96 -5.10 -3.02 -21.35
N THR A 97 -3.80 -3.32 -21.26
CA THR A 97 -3.30 -4.15 -20.15
C THR A 97 -1.93 -3.65 -19.67
N PHE A 98 -1.68 -3.83 -18.38
CA PHE A 98 -0.49 -3.30 -17.73
C PHE A 98 0.46 -4.41 -17.29
N GLY A 99 1.72 -4.04 -17.08
CA GLY A 99 2.69 -4.93 -16.46
C GLY A 99 2.44 -5.01 -14.97
N GLY A 100 3.15 -5.91 -14.30
CA GLY A 100 3.00 -6.11 -12.86
C GLY A 100 3.79 -5.12 -12.01
N GLY A 101 4.48 -4.19 -12.65
CA GLY A 101 5.20 -3.13 -11.96
C GLY A 101 6.59 -3.52 -11.51
N THR A 102 7.37 -2.50 -11.18
CA THR A 102 8.74 -2.66 -10.71
C THR A 102 8.97 -1.66 -9.58
N LYS A 103 9.26 -2.18 -8.38
CA LYS A 103 9.60 -1.31 -7.25
C LYS A 103 11.06 -0.91 -7.32
N LEU A 104 11.30 0.37 -7.55
CA LEU A 104 12.66 0.90 -7.58
C LEU A 104 12.98 1.47 -6.20
N GLU A 105 13.81 0.76 -5.45
CA GLU A 105 14.17 1.12 -4.08
C GLU A 105 15.53 1.82 -4.05
N ILE A 106 15.78 2.58 -2.99
CA ILE A 106 17.06 3.26 -2.79
C ILE A 106 18.03 2.30 -2.11
N LYS A 107 19.24 2.26 -2.63
CA LYS A 107 20.31 1.48 -2.02
C LYS A 107 21.02 2.38 -1.03
N ARG A 108 21.25 1.86 0.17
CA ARG A 108 21.91 2.60 1.24
C ARG A 108 22.86 1.65 1.96
N ALA A 109 23.63 2.19 2.90
CA ALA A 109 24.50 1.37 3.74
C ALA A 109 23.67 0.47 4.63
N ASP A 110 24.20 -0.71 4.91
CA ASP A 110 23.53 -1.64 5.81
C ASP A 110 23.39 -1.04 7.20
N ALA A 111 22.20 -1.18 7.78
CA ALA A 111 21.94 -0.77 9.14
C ALA A 111 21.28 -1.92 9.87
N ALA A 112 21.54 -2.04 11.16
CA ALA A 112 20.94 -3.08 11.98
C ALA A 112 19.58 -2.61 12.51
N PRO A 113 18.63 -3.54 12.66
CA PRO A 113 17.32 -3.18 13.18
C PRO A 113 17.34 -2.84 14.66
N THR A 114 16.50 -1.87 15.05
CA THR A 114 16.26 -1.56 16.44
C THR A 114 15.06 -2.39 16.89
N VAL A 115 15.33 -3.43 17.68
CA VAL A 115 14.33 -4.41 18.08
C VAL A 115 13.71 -4.04 19.42
N SER A 116 12.39 -4.20 19.53
CA SER A 116 11.66 -3.87 20.75
C SER A 116 10.48 -4.83 20.95
N ILE A 117 10.38 -5.43 22.14
CA ILE A 117 9.34 -6.40 22.46
C ILE A 117 8.33 -5.82 23.46
N PHE A 118 7.06 -6.19 23.32
CA PHE A 118 6.00 -5.62 24.14
C PHE A 118 5.05 -6.67 24.68
N PRO A 119 4.92 -6.76 26.03
CA PRO A 119 3.95 -7.70 26.56
C PRO A 119 2.54 -7.28 26.19
N PRO A 120 1.57 -8.22 26.28
CA PRO A 120 0.18 -7.85 26.11
C PRO A 120 -0.24 -6.77 27.10
N SER A 121 -1.05 -5.84 26.63
CA SER A 121 -1.67 -4.86 27.51
C SER A 121 -2.69 -5.57 28.39
N SER A 122 -2.83 -5.11 29.62
CA SER A 122 -3.78 -5.69 30.57
C SER A 122 -5.22 -5.66 30.06
N GLU A 123 -5.59 -4.61 29.34
CA GLU A 123 -6.97 -4.49 28.84
C GLU A 123 -7.27 -5.40 27.65
N GLN A 124 -6.23 -5.90 26.98
CA GLN A 124 -6.42 -6.97 26.00
C GLN A 124 -6.71 -8.28 26.72
N LEU A 125 -5.99 -8.51 27.82
CA LEU A 125 -6.11 -9.76 28.57
C LEU A 125 -7.53 -9.98 29.11
N THR A 126 -8.29 -8.90 29.32
CA THR A 126 -9.67 -9.01 29.79
C THR A 126 -10.60 -9.63 28.76
N SER A 127 -10.33 -9.40 27.47
CA SER A 127 -11.13 -10.00 26.40
C SER A 127 -10.83 -11.48 26.16
N GLY A 128 -9.87 -12.05 26.90
CA GLY A 128 -9.55 -13.48 26.81
C GLY A 128 -8.43 -13.79 25.82
N GLY A 129 -7.93 -12.78 25.13
CA GLY A 129 -6.83 -12.95 24.19
C GLY A 129 -5.55 -12.29 24.68
N ALA A 130 -4.41 -12.73 24.17
CA ALA A 130 -3.12 -12.15 24.53
C ALA A 130 -2.20 -12.03 23.31
N SER A 131 -1.71 -10.81 23.04
CA SER A 131 -0.84 -10.54 21.90
C SER A 131 0.50 -9.95 22.34
N VAL A 132 1.57 -10.71 22.13
CA VAL A 132 2.92 -10.23 22.37
C VAL A 132 3.43 -9.67 21.05
N VAL A 133 3.90 -8.43 21.08
CA VAL A 133 4.30 -7.72 19.86
C VAL A 133 5.77 -7.35 19.87
N CYS A 134 6.38 -7.43 18.69
CA CYS A 134 7.79 -7.10 18.53
C CYS A 134 7.99 -6.23 17.28
N PHE A 135 8.70 -5.12 17.44
CA PHE A 135 9.04 -4.24 16.31
C PHE A 135 10.51 -4.40 15.95
N LEU A 136 10.77 -4.62 14.66
CA LEU A 136 12.14 -4.63 14.13
C LEU A 136 12.26 -3.41 13.22
N ASN A 137 12.81 -2.32 13.74
CA ASN A 137 12.71 -1.03 13.08
C ASN A 137 14.00 -0.49 12.48
N ASN A 138 13.87 0.12 11.31
CA ASN A 138 14.94 0.82 10.63
C ASN A 138 16.15 -0.03 10.34
N PHE A 139 15.98 -0.96 9.41
CA PHE A 139 17.07 -1.83 8.96
C PHE A 139 17.18 -1.81 7.44
N TYR A 140 18.30 -2.32 6.94
CA TYR A 140 18.52 -2.44 5.52
C TYR A 140 19.59 -3.49 5.21
N PRO A 141 19.35 -4.38 4.24
CA PRO A 141 18.22 -4.48 3.32
C PRO A 141 16.99 -5.18 3.93
N LYS A 142 15.92 -5.30 3.15
CA LYS A 142 14.62 -5.79 3.67
C LYS A 142 14.62 -7.24 4.15
N ASP A 143 15.48 -8.09 3.59
CA ASP A 143 15.58 -9.48 4.02
C ASP A 143 15.84 -9.60 5.51
N ILE A 144 14.88 -10.15 6.24
CA ILE A 144 15.00 -10.34 7.69
C ILE A 144 14.11 -11.49 8.15
N ASN A 145 14.46 -12.09 9.29
CA ASN A 145 13.69 -13.20 9.85
C ASN A 145 13.49 -13.04 11.35
N VAL A 146 12.30 -13.40 11.83
CA VAL A 146 11.96 -13.34 13.24
C VAL A 146 11.75 -14.74 13.78
N LYS A 147 12.11 -14.92 15.05
CA LYS A 147 12.00 -16.19 15.73
C LYS A 147 11.45 -15.90 17.11
N TRP A 148 10.24 -16.39 17.39
CA TRP A 148 9.64 -16.24 18.71
C TRP A 148 9.99 -17.44 19.57
N LYS A 149 10.36 -17.16 20.82
CA LYS A 149 10.54 -18.20 21.82
C LYS A 149 9.72 -17.89 23.05
N ILE A 150 9.07 -18.92 23.58
CA ILE A 150 8.40 -18.87 24.87
C ILE A 150 9.12 -19.87 25.76
N ASP A 151 9.56 -19.42 26.93
CA ASP A 151 10.30 -20.25 27.90
C ASP A 151 11.43 -21.05 27.25
N GLY A 152 12.10 -20.46 26.27
CA GLY A 152 13.25 -21.10 25.62
C GLY A 152 12.91 -22.01 24.45
N SER A 153 11.62 -22.20 24.18
CA SER A 153 11.19 -23.04 23.07
C SER A 153 10.51 -22.20 22.00
N GLU A 154 10.87 -22.46 20.76
CA GLU A 154 10.34 -21.70 19.63
C GLU A 154 8.85 -21.94 19.44
N ARG A 155 8.16 -20.93 18.94
CA ARG A 155 6.77 -21.09 18.50
C ARG A 155 6.57 -20.44 17.14
N GLN A 156 6.11 -21.25 16.19
CA GLN A 156 5.75 -20.77 14.85
C GLN A 156 4.26 -20.51 14.76
N ASN A 157 3.48 -21.27 15.53
CA ASN A 157 2.04 -21.14 15.57
C ASN A 157 1.59 -19.83 16.22
N GLY A 158 0.69 -19.11 15.55
CA GLY A 158 0.07 -17.90 16.11
C GLY A 158 0.78 -16.58 15.82
N VAL A 159 1.69 -16.59 14.83
CA VAL A 159 2.50 -15.42 14.49
C VAL A 159 1.98 -14.75 13.21
N LEU A 160 1.98 -13.43 13.20
CA LEU A 160 1.60 -12.63 12.03
C LEU A 160 2.56 -11.47 11.82
N ASN A 161 3.03 -11.34 10.58
CA ASN A 161 4.09 -10.40 10.22
C ASN A 161 3.70 -9.41 9.14
N SER A 162 4.20 -8.18 9.27
CA SER A 162 3.92 -7.13 8.31
C SER A 162 5.14 -6.24 8.14
N TRP A 163 5.42 -5.87 6.89
CA TRP A 163 6.53 -5.01 6.53
C TRP A 163 5.99 -3.68 6.06
N THR A 164 6.68 -2.59 6.42
CA THR A 164 6.41 -1.30 5.83
C THR A 164 7.06 -1.26 4.45
N ASP A 165 6.58 -0.35 3.60
CA ASP A 165 7.33 0.03 2.41
C ASP A 165 8.54 0.84 2.85
N GLN A 166 9.55 0.90 2.00
CA GLN A 166 10.77 1.65 2.26
C GLN A 166 10.47 3.05 2.79
N ASP A 167 11.23 3.46 3.81
CA ASP A 167 10.98 4.74 4.47
C ASP A 167 11.41 5.90 3.59
N SER A 168 10.56 6.92 3.49
CA SER A 168 10.84 8.07 2.64
C SER A 168 11.85 9.05 3.24
N LYS A 169 12.10 8.94 4.55
CA LYS A 169 13.10 9.78 5.19
C LYS A 169 14.49 9.16 5.10
N ASP A 170 14.64 7.93 5.60
CA ASP A 170 15.96 7.30 5.74
C ASP A 170 16.19 5.99 4.95
N SER A 171 15.27 5.66 4.04
CA SER A 171 15.42 4.52 3.10
C SER A 171 15.55 3.14 3.76
N THR A 172 15.14 3.01 5.02
CA THR A 172 15.17 1.73 5.71
C THR A 172 13.83 1.03 5.55
N TYR A 173 13.80 -0.23 6.01
CA TYR A 173 12.56 -0.98 6.15
C TYR A 173 12.35 -1.27 7.63
N SER A 174 11.09 -1.47 8.01
CA SER A 174 10.73 -1.84 9.37
C SER A 174 9.82 -3.04 9.30
N MET A 175 9.68 -3.75 10.42
CA MET A 175 8.84 -4.93 10.46
C MET A 175 8.17 -5.07 11.82
N SER A 176 6.95 -5.60 11.81
CA SER A 176 6.23 -5.90 13.04
C SER A 176 5.81 -7.35 13.04
N SER A 177 6.13 -8.05 14.12
CA SER A 177 5.72 -9.44 14.31
C SER A 177 4.85 -9.51 15.54
N THR A 178 3.77 -10.28 15.46
CA THR A 178 2.80 -10.35 16.54
C THR A 178 2.39 -11.79 16.84
N LEU A 179 2.86 -12.29 17.98
CA LEU A 179 2.52 -13.61 18.44
C LEU A 179 1.23 -13.55 19.27
N THR A 180 0.17 -14.21 18.80
CA THR A 180 -1.10 -14.22 19.50
C THR A 180 -1.39 -15.57 20.13
N LEU A 181 -1.58 -15.55 21.46
CA LEU A 181 -1.95 -16.74 22.21
C LEU A 181 -3.33 -16.57 22.81
N THR A 182 -3.78 -17.62 23.47
CA THR A 182 -4.89 -17.52 24.40
C THR A 182 -4.33 -17.06 25.76
N LYS A 183 -5.05 -16.16 26.42
CA LYS A 183 -4.60 -15.61 27.72
C LYS A 183 -4.18 -16.72 28.71
N ASP A 184 -4.96 -17.80 28.75
CA ASP A 184 -4.67 -18.92 29.65
C ASP A 184 -3.30 -19.51 29.39
N GLU A 185 -2.94 -19.67 28.12
CA GLU A 185 -1.60 -20.15 27.81
C GLU A 185 -0.57 -19.10 28.13
N TYR A 186 -0.88 -17.83 27.82
CA TYR A 186 0.06 -16.75 28.07
C TYR A 186 0.54 -16.74 29.52
N GLU A 187 -0.39 -16.97 30.45
CA GLU A 187 -0.08 -16.85 31.88
C GLU A 187 0.47 -18.14 32.51
N ARG A 188 0.68 -19.18 31.70
CA ARG A 188 1.37 -20.38 32.14
C ARG A 188 2.85 -20.37 31.77
N HIS A 189 3.34 -19.24 31.26
CA HIS A 189 4.71 -19.13 30.79
C HIS A 189 5.33 -17.82 31.27
N ASN A 190 6.61 -17.88 31.61
CA ASN A 190 7.32 -16.76 32.23
C ASN A 190 8.05 -15.91 31.20
N SER A 191 8.86 -16.56 30.39
CA SER A 191 9.80 -15.87 29.51
C SER A 191 9.28 -15.76 28.08
N TYR A 192 9.34 -14.55 27.51
CA TYR A 192 8.97 -14.31 26.12
C TYR A 192 10.11 -13.60 25.40
N THR A 193 10.44 -14.05 24.19
CA THR A 193 11.66 -13.63 23.51
C THR A 193 11.44 -13.36 22.02
N CYS A 194 12.18 -12.37 21.51
CA CYS A 194 12.15 -11.96 20.12
C CYS A 194 13.57 -12.00 19.53
N GLU A 195 13.75 -12.69 18.41
CA GLU A 195 15.08 -12.87 17.81
C GLU A 195 15.11 -12.50 16.33
N ALA A 196 15.78 -11.40 16.00
CA ALA A 196 15.91 -10.94 14.62
C ALA A 196 17.17 -11.48 13.95
N THR A 197 17.02 -12.00 12.73
CA THR A 197 18.13 -12.54 11.96
C THR A 197 18.31 -11.69 10.71
N HIS A 198 19.36 -10.88 10.71
CA HIS A 198 19.64 -9.95 9.62
C HIS A 198 21.08 -10.15 9.16
N LYS A 199 21.38 -9.75 7.92
CA LYS A 199 22.72 -9.97 7.36
C LYS A 199 23.80 -9.11 8.06
N THR A 200 23.38 -8.02 8.69
CA THR A 200 24.31 -7.18 9.46
C THR A 200 24.97 -7.87 10.65
N SER A 201 24.45 -9.02 11.07
CA SER A 201 25.02 -9.75 12.19
C SER A 201 25.00 -11.27 11.98
N THR A 202 25.95 -11.95 12.62
CA THR A 202 26.02 -13.41 12.59
C THR A 202 25.09 -13.95 13.65
N SER A 203 25.28 -13.50 14.89
CA SER A 203 24.38 -13.81 15.99
C SER A 203 23.12 -12.94 15.87
N PRO A 204 21.94 -13.49 16.26
CA PRO A 204 20.73 -12.68 16.22
C PRO A 204 20.65 -11.69 17.39
N ILE A 205 19.84 -10.65 17.20
CA ILE A 205 19.62 -9.62 18.23
C ILE A 205 18.44 -10.07 19.09
N VAL A 206 18.66 -10.19 20.39
CA VAL A 206 17.69 -10.81 21.27
C VAL A 206 17.08 -9.79 22.22
N LYS A 207 15.75 -9.63 22.12
CA LYS A 207 14.99 -8.91 23.13
C LYS A 207 13.99 -9.88 23.74
N SER A 208 13.73 -9.70 25.02
CA SER A 208 12.84 -10.60 25.76
C SER A 208 12.34 -9.93 27.03
N PHE A 209 11.39 -10.56 27.68
CA PHE A 209 10.93 -10.10 28.99
C PHE A 209 10.40 -11.26 29.81
N ASN A 210 10.38 -11.07 31.12
CA ASN A 210 9.79 -12.05 32.03
C ASN A 210 8.46 -11.52 32.52
N ARG A 211 7.45 -12.38 32.46
CA ARG A 211 6.10 -12.03 32.90
C ARG A 211 6.03 -11.96 34.43
N ASN A 212 6.77 -12.87 35.09
CA ASN A 212 6.80 -12.94 36.55
C ASN A 212 7.91 -12.08 37.17
N GLU A 213 7.82 -10.77 36.96
CA GLU A 213 8.74 -9.80 37.56
C GLU A 213 8.02 -8.46 37.80
N GLU B 1 -5.56 23.95 -13.61
CA GLU B 1 -5.77 22.79 -12.70
C GLU B 1 -6.66 21.74 -13.35
N VAL B 2 -6.02 20.81 -14.07
CA VAL B 2 -6.69 19.61 -14.57
C VAL B 2 -6.88 18.69 -13.38
N LYS B 3 -8.07 18.13 -13.23
CA LYS B 3 -8.39 17.39 -12.00
C LYS B 3 -9.54 16.40 -12.20
N LEU B 4 -9.36 15.18 -11.71
CA LEU B 4 -10.41 14.16 -11.69
C LEU B 4 -10.67 13.70 -10.25
N GLU B 5 -11.88 13.97 -9.74
CA GLU B 5 -12.25 13.57 -8.38
C GLU B 5 -13.23 12.40 -8.39
N GLU B 6 -12.79 11.25 -7.89
CA GLU B 6 -13.64 10.08 -7.77
C GLU B 6 -14.46 10.11 -6.48
N SER B 7 -15.59 9.42 -6.50
CA SER B 7 -16.39 9.20 -5.29
C SER B 7 -17.34 8.00 -5.48
N GLY B 8 -17.85 7.48 -4.37
CA GLY B 8 -18.84 6.39 -4.39
C GLY B 8 -18.37 5.08 -3.78
N GLY B 9 -17.07 4.96 -3.52
CA GLY B 9 -16.53 3.71 -2.99
C GLY B 9 -17.09 3.34 -1.64
N GLY B 10 -16.95 2.07 -1.27
CA GLY B 10 -17.39 1.59 0.04
C GLY B 10 -17.40 0.08 0.15
N LEU B 11 -18.08 -0.42 1.18
CA LEU B 11 -18.22 -1.86 1.41
C LEU B 11 -19.59 -2.34 0.94
N VAL B 12 -19.58 -3.41 0.15
CA VAL B 12 -20.81 -4.06 -0.29
C VAL B 12 -20.55 -5.57 -0.37
N GLN B 13 -21.59 -6.36 -0.11
CA GLN B 13 -21.45 -7.81 -0.14
C GLN B 13 -21.42 -8.31 -1.59
N PRO B 14 -20.88 -9.52 -1.82
CA PRO B 14 -20.90 -10.12 -3.14
C PRO B 14 -22.30 -10.20 -3.72
N GLY B 15 -22.43 -9.89 -5.00
CA GLY B 15 -23.73 -9.88 -5.67
C GLY B 15 -24.45 -8.54 -5.60
N GLY B 16 -23.98 -7.62 -4.76
CA GLY B 16 -24.55 -6.29 -4.62
C GLY B 16 -24.06 -5.29 -5.66
N SER B 17 -24.53 -4.06 -5.55
CA SER B 17 -24.30 -3.01 -6.55
C SER B 17 -23.64 -1.77 -5.96
N MET B 18 -23.03 -0.97 -6.83
CA MET B 18 -22.32 0.24 -6.42
C MET B 18 -22.06 1.15 -7.61
N LYS B 19 -22.36 2.42 -7.46
CA LYS B 19 -22.16 3.41 -8.52
C LYS B 19 -21.04 4.38 -8.14
N LEU B 20 -19.97 4.40 -8.92
CA LEU B 20 -18.89 5.35 -8.72
C LEU B 20 -19.12 6.58 -9.60
N SER B 21 -18.52 7.70 -9.20
CA SER B 21 -18.66 8.95 -9.92
C SER B 21 -17.30 9.60 -10.08
N CYS B 22 -17.15 10.42 -11.10
CA CYS B 22 -15.91 11.13 -11.34
C CYS B 22 -16.22 12.49 -11.94
N ALA B 23 -15.92 13.55 -11.18
CA ALA B 23 -16.10 14.93 -11.65
C ALA B 23 -14.81 15.43 -12.32
N ALA B 24 -14.91 15.81 -13.59
CA ALA B 24 -13.78 16.36 -14.32
C ALA B 24 -13.73 17.88 -14.17
N SER B 25 -12.53 18.44 -14.16
CA SER B 25 -12.33 19.89 -14.09
C SER B 25 -11.09 20.32 -14.87
N GLY B 26 -11.13 21.56 -15.36
CA GLY B 26 -9.98 22.17 -16.05
C GLY B 26 -9.85 21.85 -17.53
N PHE B 27 -10.83 21.16 -18.09
CA PHE B 27 -10.82 20.82 -19.52
C PHE B 27 -12.22 20.49 -20.01
N THR B 28 -12.37 20.44 -21.33
CA THR B 28 -13.66 20.14 -21.93
C THR B 28 -13.90 18.63 -21.89
N SER B 29 -14.66 18.18 -20.90
CA SER B 29 -14.96 16.75 -20.73
C SER B 29 -15.71 16.17 -21.92
N SER B 30 -16.50 17.02 -22.56
CA SER B 30 -17.24 16.66 -23.76
C SER B 30 -16.34 16.06 -24.85
N ASP B 31 -15.15 16.63 -25.02
CA ASP B 31 -14.23 16.23 -26.09
C ASP B 31 -13.19 15.20 -25.65
N ALA B 32 -13.42 14.54 -24.52
CA ALA B 32 -12.43 13.61 -23.97
C ALA B 32 -12.97 12.18 -23.85
N TRP B 33 -12.06 11.22 -23.92
CA TRP B 33 -12.39 9.81 -23.70
C TRP B 33 -11.95 9.44 -22.30
N MET B 34 -12.90 8.94 -21.50
CA MET B 34 -12.68 8.70 -20.06
C MET B 34 -12.69 7.21 -19.73
N ASP B 35 -11.89 6.84 -18.74
CA ASP B 35 -11.73 5.43 -18.35
C ASP B 35 -11.73 5.22 -16.85
N TRP B 36 -12.03 3.99 -16.45
CA TRP B 36 -11.86 3.54 -15.09
C TRP B 36 -10.76 2.49 -15.07
N VAL B 37 -9.81 2.66 -14.15
CA VAL B 37 -8.69 1.76 -13.99
C VAL B 37 -8.64 1.39 -12.53
N ARG B 38 -8.53 0.09 -12.25
CA ARG B 38 -8.50 -0.39 -10.88
C ARG B 38 -7.13 -0.96 -10.51
N GLN B 39 -6.82 -0.91 -9.22
CA GLN B 39 -5.54 -1.38 -8.69
C GLN B 39 -5.75 -2.23 -7.45
N SER B 40 -5.10 -3.39 -7.41
CA SER B 40 -5.18 -4.28 -6.26
C SER B 40 -3.82 -4.94 -6.04
N PRO B 41 -3.54 -5.39 -4.79
CA PRO B 41 -2.28 -6.09 -4.51
C PRO B 41 -2.10 -7.39 -5.29
N GLU B 42 -3.20 -8.04 -5.65
CA GLU B 42 -3.15 -9.35 -6.32
C GLU B 42 -2.85 -9.23 -7.81
N LYS B 43 -3.52 -8.30 -8.49
CA LYS B 43 -3.43 -8.20 -9.95
C LYS B 43 -2.74 -6.92 -10.46
N GLY B 44 -2.30 -6.06 -9.55
CA GLY B 44 -1.70 -4.80 -9.95
C GLY B 44 -2.72 -3.93 -10.67
N LEU B 45 -2.30 -3.25 -11.72
CA LEU B 45 -3.20 -2.36 -12.45
C LEU B 45 -4.01 -3.12 -13.49
N GLU B 46 -5.30 -2.79 -13.57
CA GLU B 46 -6.23 -3.41 -14.49
C GLU B 46 -7.15 -2.37 -15.09
N TRP B 47 -7.19 -2.31 -16.41
CA TRP B 47 -8.16 -1.47 -17.11
C TRP B 47 -9.53 -2.10 -17.02
N VAL B 48 -10.53 -1.25 -16.77
CA VAL B 48 -11.89 -1.70 -16.50
C VAL B 48 -12.81 -1.34 -17.66
N ALA B 49 -12.87 -0.06 -17.99
CA ALA B 49 -13.82 0.42 -18.99
C ALA B 49 -13.37 1.74 -19.58
N GLU B 50 -13.93 2.06 -20.75
CA GLU B 50 -13.60 3.28 -21.46
C GLU B 50 -14.83 3.78 -22.20
N ILE B 51 -15.14 5.06 -22.04
CA ILE B 51 -16.22 5.69 -22.79
C ILE B 51 -15.64 6.81 -23.66
N ARG B 52 -15.89 6.73 -24.96
CA ARG B 52 -15.35 7.68 -25.91
C ARG B 52 -16.39 8.76 -26.16
N ASN B 53 -16.23 9.50 -27.27
CA ASN B 53 -17.22 10.50 -27.67
C ASN B 53 -18.53 9.79 -28.04
N LYS B 54 -19.60 10.18 -27.37
CA LYS B 54 -20.87 9.45 -27.47
C LYS B 54 -21.88 10.21 -28.32
N ALA B 55 -22.67 9.52 -29.15
CA ALA B 55 -22.57 8.07 -29.37
C ALA B 55 -22.19 7.83 -30.82
N ASN B 56 -21.45 8.77 -31.41
CA ASN B 56 -21.04 8.69 -32.82
C ASN B 56 -20.12 7.50 -33.07
N ASN B 57 -19.33 7.16 -32.07
CA ASN B 57 -18.41 6.02 -32.13
C ASN B 57 -19.13 4.74 -31.69
N HIS B 58 -18.41 3.61 -31.71
CA HIS B 58 -18.74 2.47 -30.85
C HIS B 58 -18.17 2.82 -29.46
N ALA B 59 -18.95 3.59 -28.70
CA ALA B 59 -18.43 4.42 -27.62
C ALA B 59 -17.85 3.68 -26.42
N ARG B 60 -18.38 2.51 -26.09
CA ARG B 60 -18.06 1.85 -24.83
C ARG B 60 -17.25 0.57 -25.01
N HIS B 61 -16.19 0.43 -24.23
CA HIS B 61 -15.35 -0.75 -24.23
C HIS B 61 -15.18 -1.24 -22.81
N TYR B 62 -15.04 -2.55 -22.65
CA TYR B 62 -15.00 -3.18 -21.34
C TYR B 62 -13.96 -4.28 -21.29
N ASN B 63 -13.22 -4.32 -20.18
CA ASN B 63 -12.43 -5.50 -19.85
C ASN B 63 -13.36 -6.72 -19.81
N GLU B 64 -12.93 -7.80 -20.47
CA GLU B 64 -13.66 -9.06 -20.49
C GLU B 64 -14.27 -9.44 -19.14
N SER B 65 -13.48 -9.26 -18.10
CA SER B 65 -13.85 -9.64 -16.74
C SER B 65 -15.14 -9.02 -16.20
N VAL B 66 -15.48 -7.82 -16.65
CA VAL B 66 -16.68 -7.12 -16.15
C VAL B 66 -17.84 -7.05 -17.15
N LYS B 67 -17.62 -7.59 -18.35
CA LYS B 67 -18.64 -7.67 -19.40
C LYS B 67 -20.00 -8.11 -18.83
N GLY B 68 -21.06 -7.36 -19.15
CA GLY B 68 -22.42 -7.70 -18.73
C GLY B 68 -22.83 -7.22 -17.34
N ARG B 69 -21.84 -6.89 -16.51
CA ARG B 69 -22.06 -6.52 -15.11
C ARG B 69 -21.87 -5.01 -14.87
N PHE B 70 -20.82 -4.44 -15.47
CA PHE B 70 -20.48 -3.03 -15.28
C PHE B 70 -20.98 -2.18 -16.44
N THR B 71 -21.46 -0.98 -16.14
CA THR B 71 -21.84 -0.01 -17.15
C THR B 71 -21.10 1.31 -16.93
N ILE B 72 -20.32 1.70 -17.93
CA ILE B 72 -19.67 3.01 -17.93
C ILE B 72 -20.61 4.03 -18.57
N SER B 73 -20.61 5.24 -18.05
CA SER B 73 -21.63 6.22 -18.36
C SER B 73 -21.07 7.64 -18.36
N ARG B 74 -21.75 8.53 -19.07
CA ARG B 74 -21.29 9.88 -19.30
C ARG B 74 -22.43 10.89 -19.14
N ASP B 75 -22.18 11.96 -18.37
CA ASP B 75 -23.06 13.12 -18.37
C ASP B 75 -22.23 14.39 -18.47
N ASP B 76 -22.15 14.94 -19.68
CA ASP B 76 -21.30 16.09 -19.96
C ASP B 76 -21.87 17.40 -19.41
N SER B 77 -23.20 17.47 -19.27
CA SER B 77 -23.82 18.65 -18.66
C SER B 77 -23.38 18.81 -17.20
N LYS B 78 -23.14 17.68 -16.52
CA LYS B 78 -22.58 17.68 -15.17
C LYS B 78 -21.06 17.59 -15.19
N SER B 79 -20.48 17.45 -16.38
CA SER B 79 -19.03 17.30 -16.56
C SER B 79 -18.48 16.16 -15.72
N SER B 80 -19.11 14.99 -15.82
CA SER B 80 -18.72 13.85 -15.02
C SER B 80 -18.97 12.52 -15.70
N VAL B 81 -18.35 11.48 -15.14
CA VAL B 81 -18.36 10.13 -15.67
C VAL B 81 -18.64 9.15 -14.55
N TYR B 82 -19.31 8.04 -14.88
CA TYR B 82 -19.78 7.10 -13.87
C TYR B 82 -19.47 5.66 -14.23
N LEU B 83 -19.47 4.81 -13.21
CA LEU B 83 -19.35 3.37 -13.37
C LEU B 83 -20.38 2.66 -12.49
N GLN B 84 -21.39 2.09 -13.12
CA GLN B 84 -22.33 1.23 -12.39
C GLN B 84 -21.71 -0.16 -12.30
N MET B 85 -21.67 -0.71 -11.10
CA MET B 85 -21.08 -2.02 -10.86
C MET B 85 -22.09 -2.92 -10.20
N ASN B 86 -22.55 -3.94 -10.93
CA ASN B 86 -23.49 -4.93 -10.39
C ASN B 86 -22.82 -6.30 -10.28
N SER B 87 -23.50 -7.23 -9.59
CA SER B 87 -22.99 -8.59 -9.40
C SER B 87 -21.53 -8.59 -8.99
N LEU B 88 -21.22 -7.79 -7.96
CA LEU B 88 -19.84 -7.58 -7.57
C LEU B 88 -19.19 -8.86 -7.03
N ARG B 89 -17.90 -9.02 -7.31
CA ARG B 89 -17.14 -10.17 -6.85
C ARG B 89 -15.97 -9.68 -6.01
N ALA B 90 -15.48 -10.53 -5.12
CA ALA B 90 -14.30 -10.23 -4.29
C ALA B 90 -13.17 -9.59 -5.11
N GLU B 91 -12.90 -10.15 -6.29
CA GLU B 91 -11.82 -9.68 -7.16
C GLU B 91 -12.09 -8.33 -7.85
N ASP B 92 -13.30 -7.80 -7.69
CA ASP B 92 -13.60 -6.42 -8.11
C ASP B 92 -13.10 -5.41 -7.07
N SER B 93 -12.61 -5.89 -5.93
CA SER B 93 -12.04 -5.01 -4.91
C SER B 93 -10.74 -4.35 -5.39
N GLY B 94 -10.58 -3.08 -5.02
CA GLY B 94 -9.37 -2.34 -5.33
C GLY B 94 -9.60 -0.84 -5.22
N ILE B 95 -8.61 -0.08 -5.68
CA ILE B 95 -8.74 1.37 -5.80
C ILE B 95 -9.12 1.67 -7.24
N TYR B 96 -10.29 2.27 -7.43
CA TYR B 96 -10.72 2.64 -8.77
C TYR B 96 -10.31 4.07 -9.05
N TYR B 97 -9.43 4.24 -10.04
CA TYR B 97 -9.04 5.55 -10.52
C TYR B 97 -9.85 5.89 -11.75
N CYS B 98 -10.27 7.15 -11.83
CA CYS B 98 -10.87 7.69 -13.04
C CYS B 98 -9.74 8.35 -13.83
N THR B 99 -9.66 8.05 -15.12
CA THR B 99 -8.57 8.56 -15.96
C THR B 99 -9.05 9.08 -17.31
N ARG B 100 -8.12 9.71 -18.02
CA ARG B 100 -8.36 10.24 -19.36
C ARG B 100 -7.35 9.66 -20.32
N THR B 101 -7.85 9.05 -21.39
CA THR B 101 -7.01 8.37 -22.38
C THR B 101 -6.98 9.08 -23.73
N TYR B 102 -7.77 10.14 -23.86
CA TYR B 102 -7.74 10.97 -25.05
C TYR B 102 -8.39 12.30 -24.74
N TYR B 103 -7.68 13.38 -25.06
CA TYR B 103 -8.25 14.71 -25.07
C TYR B 103 -8.24 15.17 -26.53
N TYR B 104 -7.06 15.45 -27.08
CA TYR B 104 -6.95 15.80 -28.50
C TYR B 104 -5.76 15.09 -29.14
N GLY B 105 -5.54 15.37 -30.43
CA GLY B 105 -4.38 14.86 -31.14
C GLY B 105 -4.66 13.60 -31.93
N SER B 106 -3.59 12.91 -32.31
CA SER B 106 -3.67 11.70 -33.11
C SER B 106 -3.44 10.41 -32.30
N SER B 107 -2.96 10.52 -31.06
CA SER B 107 -2.70 9.36 -30.20
C SER B 107 -3.73 9.22 -29.08
N TYR B 108 -3.87 8.00 -28.56
CA TYR B 108 -4.82 7.71 -27.47
C TYR B 108 -4.56 6.36 -26.80
N GLY B 109 -5.26 6.12 -25.69
CA GLY B 109 -5.21 4.83 -24.98
C GLY B 109 -4.25 4.77 -23.79
N TYR B 110 -3.52 5.85 -23.55
CA TYR B 110 -2.67 5.98 -22.36
C TYR B 110 -3.29 7.03 -21.46
N CYS B 111 -3.15 6.82 -20.16
CA CYS B 111 -3.80 7.67 -19.17
C CYS B 111 -2.93 8.86 -18.83
N ASP B 112 -3.19 10.00 -19.48
CA ASP B 112 -2.40 11.22 -19.23
C ASP B 112 -2.84 11.97 -17.98
N VAL B 113 -4.03 11.65 -17.46
CA VAL B 113 -4.50 12.22 -16.20
C VAL B 113 -5.17 11.16 -15.34
N TRP B 114 -4.91 11.21 -14.05
CA TRP B 114 -5.46 10.26 -13.09
C TRP B 114 -6.07 11.02 -11.92
N GLY B 115 -7.12 10.45 -11.33
CA GLY B 115 -7.66 10.97 -10.10
C GLY B 115 -6.94 10.39 -8.89
N THR B 116 -7.46 10.72 -7.71
CA THR B 116 -6.93 10.22 -6.44
C THR B 116 -7.27 8.76 -6.22
N GLY B 117 -8.51 8.40 -6.57
CA GLY B 117 -8.99 7.04 -6.46
C GLY B 117 -10.06 6.95 -5.39
N THR B 118 -10.90 5.94 -5.49
CA THR B 118 -11.92 5.64 -4.46
C THR B 118 -11.94 4.13 -4.31
N THR B 119 -11.97 3.66 -3.06
CA THR B 119 -11.75 2.25 -2.77
C THR B 119 -13.04 1.46 -2.64
N VAL B 120 -13.14 0.39 -3.42
CA VAL B 120 -14.25 -0.54 -3.38
C VAL B 120 -13.80 -1.81 -2.68
N THR B 121 -14.64 -2.32 -1.76
CA THR B 121 -14.36 -3.58 -1.08
C THR B 121 -15.59 -4.47 -1.16
N VAL B 122 -15.44 -5.65 -1.75
CA VAL B 122 -16.56 -6.57 -1.93
C VAL B 122 -16.37 -7.76 -0.99
N SER B 123 -17.25 -7.87 0.00
CA SER B 123 -17.08 -8.85 1.07
C SER B 123 -18.34 -9.03 1.90
N SER B 124 -18.54 -10.27 2.36
CA SER B 124 -19.66 -10.59 3.25
C SER B 124 -19.29 -10.38 4.72
N ALA B 125 -18.03 -10.06 5.00
CA ALA B 125 -17.60 -9.70 6.35
C ALA B 125 -18.37 -8.48 6.90
N LYS B 126 -18.73 -8.54 8.18
CA LYS B 126 -19.50 -7.48 8.82
C LYS B 126 -18.58 -6.37 9.32
N THR B 127 -19.06 -5.13 9.24
CA THR B 127 -18.34 -3.97 9.76
C THR B 127 -18.16 -4.12 11.27
N THR B 128 -16.94 -3.88 11.74
CA THR B 128 -16.57 -4.07 13.14
C THR B 128 -15.60 -3.00 13.61
N PRO B 129 -15.89 -2.33 14.74
CA PRO B 129 -14.95 -1.35 15.28
C PRO B 129 -13.72 -2.04 15.87
N PRO B 130 -12.56 -1.36 15.83
CA PRO B 130 -11.34 -1.95 16.37
C PRO B 130 -11.26 -1.86 17.88
N SER B 131 -10.45 -2.75 18.46
CA SER B 131 -9.98 -2.59 19.83
C SER B 131 -8.62 -1.92 19.73
N VAL B 132 -8.37 -0.94 20.60
CA VAL B 132 -7.09 -0.20 20.59
C VAL B 132 -6.31 -0.44 21.88
N TYR B 133 -5.15 -1.08 21.76
CA TYR B 133 -4.35 -1.50 22.92
C TYR B 133 -2.99 -0.78 22.98
N PRO B 134 -2.65 -0.22 24.14
CA PRO B 134 -1.38 0.48 24.31
C PRO B 134 -0.22 -0.49 24.48
N LEU B 135 0.90 -0.22 23.83
CA LEU B 135 2.09 -1.06 23.96
C LEU B 135 3.19 -0.31 24.71
N ALA B 136 3.26 -0.56 26.02
CA ALA B 136 4.27 0.04 26.88
C ALA B 136 5.43 -0.95 27.08
N PRO B 137 6.67 -0.44 27.18
CA PRO B 137 7.85 -1.28 27.45
C PRO B 137 7.79 -2.10 28.75
N GLY B 138 8.79 -2.95 28.95
CA GLY B 138 8.91 -3.76 30.17
C GLY B 138 9.59 -3.03 31.32
N SER B 139 9.29 -3.48 32.54
CA SER B 139 9.80 -2.87 33.77
C SER B 139 11.32 -3.00 33.90
N ALA B 140 11.83 -4.21 33.69
CA ALA B 140 13.25 -4.50 33.84
C ALA B 140 14.15 -3.75 32.84
N ALA B 141 13.57 -3.32 31.70
CA ALA B 141 14.32 -2.63 30.64
C ALA B 141 15.25 -1.54 31.18
N GLN B 142 16.49 -1.53 30.70
CA GLN B 142 17.50 -0.54 31.09
C GLN B 142 17.31 0.80 30.37
N THR B 143 16.70 0.76 29.18
CA THR B 143 16.35 1.96 28.41
C THR B 143 17.58 2.68 27.84
N ASN B 144 17.71 2.66 26.51
CA ASN B 144 18.76 3.41 25.82
C ASN B 144 18.43 4.90 25.78
N SER B 145 19.11 5.66 24.92
CA SER B 145 18.79 7.08 24.73
C SER B 145 17.46 7.26 24.00
N MET B 146 17.15 6.34 23.07
CA MET B 146 15.88 6.31 22.36
C MET B 146 14.95 5.28 23.01
N VAL B 147 13.65 5.57 22.99
CA VAL B 147 12.62 4.64 23.49
C VAL B 147 11.50 4.50 22.44
N THR B 148 10.93 3.31 22.34
CA THR B 148 9.87 3.03 21.37
C THR B 148 8.59 2.58 22.07
N LEU B 149 7.46 3.13 21.64
CA LEU B 149 6.15 2.76 22.15
C LEU B 149 5.31 2.24 20.99
N GLY B 150 4.05 1.89 21.24
CA GLY B 150 3.19 1.42 20.16
C GLY B 150 1.71 1.29 20.47
N CYS B 151 0.94 1.06 19.41
CA CYS B 151 -0.49 0.79 19.51
C CYS B 151 -0.84 -0.46 18.72
N LEU B 152 -1.72 -1.29 19.28
CA LEU B 152 -2.28 -2.44 18.56
C LEU B 152 -3.76 -2.19 18.29
N VAL B 153 -4.10 -2.06 17.00
CA VAL B 153 -5.47 -1.85 16.56
C VAL B 153 -6.01 -3.17 16.05
N LYS B 154 -6.76 -3.89 16.90
CA LYS B 154 -7.13 -5.27 16.62
C LYS B 154 -8.61 -5.49 16.28
N GLY B 155 -8.86 -6.42 15.36
CA GLY B 155 -10.19 -6.96 15.10
C GLY B 155 -11.18 -6.02 14.45
N TYR B 156 -10.77 -5.37 13.35
CA TYR B 156 -11.66 -4.44 12.66
C TYR B 156 -11.92 -4.82 11.20
N PHE B 157 -12.96 -4.19 10.65
CA PHE B 157 -13.34 -4.37 9.27
C PHE B 157 -14.39 -3.32 8.95
N PRO B 158 -14.33 -2.70 7.75
CA PRO B 158 -13.33 -2.83 6.69
C PRO B 158 -12.15 -1.87 6.86
N GLU B 159 -11.17 -2.05 5.99
CA GLU B 159 -10.10 -1.08 5.80
C GLU B 159 -10.75 0.23 5.28
N PRO B 160 -10.21 1.40 5.63
CA PRO B 160 -9.00 1.68 6.39
C PRO B 160 -9.25 2.19 7.79
N VAL B 161 -8.19 2.21 8.57
CA VAL B 161 -8.12 2.98 9.80
C VAL B 161 -7.08 4.07 9.59
N THR B 162 -7.20 5.16 10.34
CA THR B 162 -6.24 6.25 10.30
C THR B 162 -5.56 6.34 11.67
N VAL B 163 -4.23 6.22 11.67
CA VAL B 163 -3.47 6.10 12.91
C VAL B 163 -2.41 7.20 12.99
N THR B 164 -2.63 8.15 13.89
CA THR B 164 -1.69 9.24 14.12
C THR B 164 -1.25 9.27 15.58
N TRP B 165 -0.24 10.09 15.88
CA TRP B 165 0.33 10.17 17.23
C TRP B 165 0.28 11.60 17.77
N ASN B 166 -0.20 11.75 19.00
CA ASN B 166 -0.45 13.06 19.60
C ASN B 166 -1.22 13.97 18.64
N SER B 167 -2.38 13.48 18.21
CA SER B 167 -3.27 14.19 17.29
C SER B 167 -2.55 14.71 16.04
N GLY B 168 -1.60 13.94 15.54
CA GLY B 168 -0.82 14.31 14.35
C GLY B 168 0.45 15.10 14.65
N SER B 169 0.58 15.62 15.86
CA SER B 169 1.70 16.48 16.21
C SER B 169 3.03 15.74 16.41
N LEU B 170 3.04 14.44 16.15
CA LEU B 170 4.26 13.63 16.21
C LEU B 170 4.38 12.81 14.93
N SER B 171 5.23 13.25 14.01
CA SER B 171 5.35 12.69 12.67
C SER B 171 6.54 11.74 12.51
N SER B 172 7.67 12.11 13.09
CA SER B 172 8.94 11.43 12.86
C SER B 172 9.15 10.24 13.78
N GLY B 173 9.91 9.26 13.30
CA GLY B 173 10.18 8.03 14.03
C GLY B 173 8.99 7.10 14.20
N VAL B 174 7.91 7.34 13.43
CA VAL B 174 6.71 6.50 13.52
C VAL B 174 6.67 5.51 12.37
N HIS B 175 6.10 4.34 12.65
CA HIS B 175 5.92 3.30 11.64
C HIS B 175 4.54 2.69 11.78
N THR B 176 3.66 2.97 10.83
CA THR B 176 2.35 2.36 10.79
C THR B 176 2.41 1.21 9.79
N PHE B 177 2.13 0.00 10.26
CA PHE B 177 2.33 -1.19 9.45
C PHE B 177 1.07 -1.57 8.68
N PRO B 178 1.23 -2.12 7.47
CA PRO B 178 0.06 -2.61 6.74
C PRO B 178 -0.75 -3.61 7.55
N ALA B 179 -2.07 -3.49 7.54
CA ALA B 179 -2.92 -4.40 8.29
C ALA B 179 -2.84 -5.82 7.72
N VAL B 180 -3.16 -6.81 8.54
CA VAL B 180 -3.17 -8.20 8.11
C VAL B 180 -4.52 -8.84 8.42
N LEU B 181 -5.01 -9.66 7.49
CA LEU B 181 -6.34 -10.25 7.59
C LEU B 181 -6.29 -11.63 8.25
N GLN B 182 -7.03 -11.78 9.35
CA GLN B 182 -7.24 -13.08 9.98
C GLN B 182 -8.73 -13.24 10.30
N SER B 183 -9.30 -14.36 9.86
CA SER B 183 -10.69 -14.69 10.17
C SER B 183 -11.64 -13.52 9.91
N ASP B 184 -11.55 -12.97 8.70
CA ASP B 184 -12.37 -11.83 8.28
C ASP B 184 -12.29 -10.65 9.23
N LEU B 185 -11.10 -10.41 9.78
CA LEU B 185 -10.85 -9.27 10.64
C LEU B 185 -9.41 -8.78 10.47
N TYR B 186 -9.24 -7.47 10.42
CA TYR B 186 -7.92 -6.87 10.27
C TYR B 186 -7.29 -6.56 11.61
N THR B 187 -5.96 -6.69 11.65
CA THR B 187 -5.16 -6.27 12.79
C THR B 187 -3.96 -5.48 12.29
N LEU B 188 -3.63 -4.42 13.00
CA LEU B 188 -2.63 -3.46 12.57
C LEU B 188 -1.88 -2.91 13.77
N SER B 189 -0.58 -2.73 13.61
CA SER B 189 0.25 -2.17 14.66
C SER B 189 0.91 -0.87 14.19
N SER B 190 1.24 -0.01 15.14
CA SER B 190 2.01 1.19 14.88
C SER B 190 2.97 1.46 16.03
N SER B 191 4.17 1.90 15.69
CA SER B 191 5.18 2.24 16.68
C SER B 191 5.62 3.68 16.52
N VAL B 192 6.05 4.27 17.63
CA VAL B 192 6.64 5.61 17.59
C VAL B 192 7.85 5.65 18.52
N THR B 193 8.96 6.15 18.00
CA THR B 193 10.23 6.20 18.72
C THR B 193 10.56 7.64 19.14
N VAL B 194 10.91 7.82 20.42
CA VAL B 194 11.24 9.14 20.96
C VAL B 194 12.45 9.07 21.91
N PRO B 195 13.04 10.22 22.25
CA PRO B 195 14.09 10.23 23.29
C PRO B 195 13.56 9.88 24.67
N SER B 196 14.41 9.29 25.50
CA SER B 196 14.02 8.76 26.82
C SER B 196 13.53 9.82 27.81
N SER B 197 14.02 11.04 27.67
CA SER B 197 13.58 12.16 28.51
C SER B 197 12.13 12.57 28.21
N THR B 198 11.71 12.35 26.97
CA THR B 198 10.39 12.75 26.50
C THR B 198 9.26 11.99 27.18
N TRP B 199 9.47 10.70 27.40
CA TRP B 199 8.44 9.83 27.93
C TRP B 199 8.90 9.19 29.24
N PRO B 200 8.07 9.24 30.30
CA PRO B 200 6.78 9.95 30.41
C PRO B 200 6.92 11.47 30.61
N SER B 201 5.89 12.20 30.19
CA SER B 201 5.83 13.66 30.34
C SER B 201 6.83 14.38 29.43
N THR B 203 3.68 13.05 27.74
CA THR B 203 2.44 12.33 27.51
C THR B 203 2.27 11.98 26.03
N VAL B 204 2.18 10.69 25.73
CA VAL B 204 2.05 10.20 24.35
C VAL B 204 0.73 9.45 24.16
N THR B 205 0.11 9.63 23.00
CA THR B 205 -1.19 9.01 22.70
C THR B 205 -1.36 8.76 21.20
N CYS B 206 -1.72 7.53 20.85
CA CYS B 206 -2.02 7.20 19.46
C CYS B 206 -3.50 7.43 19.18
N ASN B 207 -3.80 7.90 17.96
CA ASN B 207 -5.15 8.24 17.55
C ASN B 207 -5.63 7.25 16.52
N VAL B 208 -6.78 6.65 16.77
CA VAL B 208 -7.34 5.64 15.88
C VAL B 208 -8.77 6.03 15.52
N ALA B 209 -9.00 6.24 14.23
CA ALA B 209 -10.33 6.53 13.71
C ALA B 209 -10.73 5.45 12.72
N HIS B 210 -11.97 5.00 12.79
CA HIS B 210 -12.51 4.01 11.85
C HIS B 210 -13.82 4.56 11.25
N PRO B 211 -13.71 5.22 10.08
CA PRO B 211 -14.87 5.88 9.45
C PRO B 211 -16.06 4.95 9.21
N ALA B 212 -15.78 3.70 8.84
CA ALA B 212 -16.82 2.73 8.52
C ALA B 212 -17.72 2.39 9.72
N SER B 213 -17.16 2.43 10.94
CA SER B 213 -17.94 2.20 12.16
C SER B 213 -18.17 3.47 12.96
N SER B 214 -17.77 4.62 12.41
CA SER B 214 -17.90 5.92 13.06
C SER B 214 -17.42 5.89 14.51
N THR B 215 -16.16 5.49 14.69
CA THR B 215 -15.53 5.51 16.01
C THR B 215 -14.18 6.19 15.93
N LYS B 216 -13.80 6.82 17.04
CA LYS B 216 -12.51 7.50 17.16
C LYS B 216 -12.04 7.35 18.60
N VAL B 217 -10.94 6.63 18.79
CA VAL B 217 -10.42 6.32 20.13
C VAL B 217 -9.01 6.88 20.29
N ASP B 218 -8.70 7.34 21.51
CA ASP B 218 -7.36 7.75 21.88
C ASP B 218 -6.92 6.96 23.11
N LYS B 219 -5.72 6.40 23.06
CA LYS B 219 -5.17 5.65 24.20
C LYS B 219 -3.81 6.21 24.58
N LYS B 220 -3.71 6.70 25.83
CA LYS B 220 -2.44 7.16 26.38
C LYS B 220 -1.60 5.95 26.73
N ILE B 221 -0.32 5.99 26.37
CA ILE B 221 0.61 4.91 26.65
C ILE B 221 1.13 5.11 28.08
N VAL B 222 0.77 4.19 28.97
CA VAL B 222 1.14 4.29 30.40
C VAL B 222 2.15 3.21 30.78
N PRO B 223 3.20 3.60 31.54
CA PRO B 223 4.28 2.64 31.87
C PRO B 223 3.89 1.62 32.94
N ARG B 224 4.84 0.76 33.27
CA ARG B 224 4.65 -0.27 34.29
C ARG B 224 6.00 -0.75 34.81
#